data_3MI9
#
_entry.id   3MI9
#
_cell.length_a   132.306
_cell.length_b   132.306
_cell.length_c   95.358
_cell.angle_alpha   90.00
_cell.angle_beta   90.00
_cell.angle_gamma   120.00
#
_symmetry.space_group_name_H-M   'P 32 2 1'
#
loop_
_entity.id
_entity.type
_entity.pdbx_description
1 polymer 'Cell division protein kinase 9'
2 polymer Cyclin-T1
3 polymer 'Protein Tat'
4 non-polymer 'ZINC ION'
5 water water
#
loop_
_entity_poly.entity_id
_entity_poly.type
_entity_poly.pdbx_seq_one_letter_code
_entity_poly.pdbx_strand_id
1 'polypeptide(L)'
;MAKQYDSVECPFCDEVSKYEKLAKIGQGTFGEVFKARHRKTGQKVALKKVLMENEKEGFPITALREIKILQLLKHENVVN
LIEICRTKASPYNRCKGSIYLVFDFCEHDLAGLLSNVLVKFTLSEIKRVMQMLLNGLYYIHRNKILHRDMKAANVLITRD
GVLKLADFGLARAFSLAKNSQPNRY(TPO)NRVVTLWYRPPELLLGERDYGPPIDLWGAGCIMAEMWTRSPIMQGNTEQH
QLALISQLCGSITPEVWPNVDNYELYEKLELVKGQKRKVKDRLKAYVRDPYALDLIDKLLVLDPAQRIDSDDALNHDFFW
SDPMPSDLKGMLSTHLTSMFEYLAPPRRKHHHHHH
;
A
2 'polypeptide(L)'
;MEGERKNNNKRWYFTREQLENSPSRRFGVDPDKELSYRQQAANLLQDMGQRLNVSQLTINTAIVYMHRFYMIQSFTQFPG
NSVAPAALFLAAKVEEQPKKLEHVIKVAHTCLHPQESLPDTRSEAYLQQVQDLVILESIILQTLGFELTIDHPHTHVVKC
TQLVRASKDLAQTSYFMATNSLHLTTFSLQYTPPVVACVCIHLACKWSNWEIPVSTDGKHWWEYVDATVTLELLDELTHE
FLQILEKTPNRLKRIWNWRACEAAKK
;
B
3 'polypeptide(L)'
;MEPVDPRLEPWKHPGSQPKTACTNCYCKKCCFHCQVCFITKALGISYGRKKRRQRRRAHQNSQTHQASLSKQPTSQSRGD
PTGPKE
;
C
#
# COMPACT_ATOMS: atom_id res chain seq x y z
N VAL A 8 -5.81 -10.99 25.69
CA VAL A 8 -4.86 -10.44 24.68
C VAL A 8 -5.02 -8.93 24.51
N GLU A 9 -4.00 -8.19 24.94
CA GLU A 9 -4.00 -6.74 24.83
C GLU A 9 -4.04 -6.29 23.37
N CYS A 10 -4.89 -5.31 23.08
CA CYS A 10 -5.04 -4.77 21.73
C CYS A 10 -5.40 -3.27 21.79
N PRO A 11 -4.47 -2.46 22.31
CA PRO A 11 -4.67 -1.01 22.44
C PRO A 11 -4.84 -0.20 21.15
N PHE A 12 -4.52 -0.78 20.02
CA PHE A 12 -4.60 0.01 18.80
C PHE A 12 -5.60 -0.41 17.72
N CYS A 13 -6.52 -1.28 18.09
CA CYS A 13 -7.57 -1.74 17.18
C CYS A 13 -8.81 -1.94 18.04
N ASP A 14 -9.60 -0.87 18.20
CA ASP A 14 -10.82 -0.91 19.02
C ASP A 14 -11.93 -1.80 18.48
N GLU A 15 -12.82 -2.20 19.38
CA GLU A 15 -13.95 -3.03 19.03
C GLU A 15 -14.98 -2.14 18.34
N VAL A 16 -15.58 -2.65 17.29
CA VAL A 16 -16.58 -1.88 16.57
C VAL A 16 -17.75 -1.47 17.48
N SER A 17 -17.82 -2.05 18.67
CA SER A 17 -18.87 -1.73 19.66
C SER A 17 -19.01 -0.22 19.88
N LYS A 18 -17.92 0.52 19.72
CA LYS A 18 -17.96 1.97 19.92
C LYS A 18 -18.94 2.63 18.95
N TYR A 19 -19.29 1.96 17.86
CA TYR A 19 -20.25 2.53 16.93
C TYR A 19 -21.55 1.77 17.09
N GLU A 20 -22.64 2.43 16.76
CA GLU A 20 -23.95 1.82 16.81
C GLU A 20 -24.36 1.69 15.35
N LYS A 21 -24.61 0.46 14.90
CA LYS A 21 -25.03 0.25 13.54
C LYS A 21 -26.41 0.81 13.38
N LEU A 22 -26.63 1.55 12.29
CA LEU A 22 -27.91 2.17 12.04
C LEU A 22 -28.68 1.49 10.92
N ALA A 23 -27.97 1.11 9.86
CA ALA A 23 -28.62 0.50 8.73
C ALA A 23 -27.62 -0.06 7.76
N LYS A 24 -28.09 -0.92 6.87
CA LYS A 24 -27.23 -1.49 5.86
C LYS A 24 -27.15 -0.46 4.76
N ILE A 25 -26.04 -0.45 4.04
CA ILE A 25 -25.85 0.46 2.94
C ILE A 25 -25.82 -0.40 1.69
N GLY A 26 -26.79 -0.19 0.82
CA GLY A 26 -26.88 -0.97 -0.40
C GLY A 26 -27.36 -2.37 -0.12
N GLN A 27 -27.30 -3.22 -1.14
CA GLN A 27 -27.73 -4.60 -1.04
C GLN A 27 -26.55 -5.51 -1.36
N GLY A 28 -25.57 -5.55 -0.46
CA GLY A 28 -24.40 -6.39 -0.67
C GLY A 28 -24.59 -7.76 -0.05
N THR A 29 -23.74 -8.12 0.91
CA THR A 29 -23.86 -9.43 1.57
C THR A 29 -24.53 -9.19 2.93
N PHE A 30 -24.57 -10.23 3.77
CA PHE A 30 -25.17 -10.15 5.10
C PHE A 30 -24.77 -8.85 5.81
N GLY A 31 -23.54 -8.82 6.33
CA GLY A 31 -23.06 -7.64 7.02
C GLY A 31 -21.80 -7.13 6.35
N GLU A 32 -21.95 -6.62 5.13
CA GLU A 32 -20.83 -6.09 4.35
C GLU A 32 -20.59 -4.60 4.61
N VAL A 33 -21.60 -3.76 4.40
CA VAL A 33 -21.46 -2.33 4.64
C VAL A 33 -22.60 -1.78 5.51
N PHE A 34 -22.24 -1.10 6.60
CA PHE A 34 -23.21 -0.54 7.53
C PHE A 34 -23.04 0.95 7.72
N LYS A 35 -24.14 1.67 7.83
CA LYS A 35 -24.12 3.08 8.16
C LYS A 35 -24.17 2.99 9.71
N ALA A 36 -23.40 3.82 10.39
CA ALA A 36 -23.35 3.81 11.85
C ALA A 36 -22.97 5.18 12.41
N ARG A 37 -22.96 5.28 13.73
CA ARG A 37 -22.62 6.54 14.38
C ARG A 37 -21.75 6.28 15.61
N HIS A 38 -20.83 7.18 15.88
CA HIS A 38 -19.98 7.05 17.05
C HIS A 38 -20.90 7.31 18.25
N ARG A 39 -20.91 6.40 19.20
CA ARG A 39 -21.78 6.51 20.37
C ARG A 39 -21.57 7.75 21.22
N LYS A 40 -20.39 8.36 21.14
CA LYS A 40 -20.14 9.55 21.93
C LYS A 40 -20.18 10.87 21.15
N THR A 41 -19.59 10.89 19.96
CA THR A 41 -19.60 12.11 19.15
C THR A 41 -20.77 12.17 18.21
N GLY A 42 -21.32 11.01 17.85
CA GLY A 42 -22.43 10.98 16.92
C GLY A 42 -21.95 11.04 15.46
N GLN A 43 -20.63 10.97 15.29
CA GLN A 43 -19.99 11.01 13.98
C GLN A 43 -20.50 9.91 13.04
N LYS A 44 -21.10 10.32 11.94
CA LYS A 44 -21.64 9.40 10.94
C LYS A 44 -20.50 8.69 10.22
N VAL A 45 -20.53 7.37 10.18
CA VAL A 45 -19.48 6.61 9.50
C VAL A 45 -20.07 5.44 8.72
N ALA A 46 -19.24 4.77 7.94
CA ALA A 46 -19.66 3.59 7.20
C ALA A 46 -18.65 2.53 7.57
N LEU A 47 -19.16 1.39 8.02
CA LEU A 47 -18.33 0.26 8.42
C LEU A 47 -18.30 -0.73 7.26
N LYS A 48 -17.09 -1.08 6.84
CA LYS A 48 -16.95 -2.00 5.72
C LYS A 48 -16.13 -3.19 6.16
N LYS A 49 -16.80 -4.33 6.24
CA LYS A 49 -16.17 -5.57 6.67
C LYS A 49 -15.20 -6.13 5.66
N VAL A 50 -14.04 -6.53 6.16
CA VAL A 50 -13.03 -7.13 5.32
C VAL A 50 -13.57 -8.52 5.04
N LEU A 51 -13.96 -8.78 3.80
CA LEU A 51 -14.51 -10.09 3.47
C LEU A 51 -13.41 -11.11 3.34
N MET A 52 -13.60 -12.26 3.99
CA MET A 52 -12.63 -13.35 3.93
C MET A 52 -13.27 -14.72 3.75
N GLU A 53 -14.22 -14.83 2.81
CA GLU A 53 -14.85 -16.12 2.57
C GLU A 53 -13.80 -17.07 2.05
N ASN A 54 -12.90 -16.54 1.23
CA ASN A 54 -11.80 -17.33 0.68
C ASN A 54 -10.64 -17.20 1.65
N GLU A 55 -10.41 -18.27 2.41
CA GLU A 55 -9.35 -18.29 3.40
C GLU A 55 -8.30 -19.36 3.08
N LYS A 56 -7.07 -18.91 2.88
CA LYS A 56 -5.96 -19.79 2.57
C LYS A 56 -4.74 -18.92 2.82
N GLU A 57 -4.56 -17.92 1.95
CA GLU A 57 -3.45 -17.00 2.05
C GLU A 57 -3.63 -15.98 3.18
N GLY A 58 -4.40 -16.36 4.21
CA GLY A 58 -4.63 -15.46 5.34
C GLY A 58 -5.27 -14.14 4.94
N PHE A 59 -4.97 -13.09 5.70
CA PHE A 59 -5.54 -11.76 5.43
C PHE A 59 -5.25 -11.39 3.98
N PRO A 60 -6.30 -11.05 3.23
CA PRO A 60 -6.20 -10.68 1.81
C PRO A 60 -5.20 -9.57 1.46
N ILE A 61 -4.25 -9.88 0.59
CA ILE A 61 -3.27 -8.89 0.17
C ILE A 61 -4.03 -7.73 -0.43
N THR A 62 -5.21 -8.01 -0.92
CA THR A 62 -6.05 -6.99 -1.53
C THR A 62 -6.52 -6.02 -0.45
N ALA A 63 -6.85 -6.56 0.72
CA ALA A 63 -7.28 -5.75 1.84
C ALA A 63 -6.07 -4.94 2.38
N LEU A 64 -4.92 -5.59 2.51
CA LEU A 64 -3.73 -4.92 3.00
C LEU A 64 -3.37 -3.75 2.07
N ARG A 65 -3.54 -3.94 0.77
CA ARG A 65 -3.25 -2.87 -0.16
C ARG A 65 -4.18 -1.71 0.04
N GLU A 66 -5.46 -2.03 0.22
CA GLU A 66 -6.46 -0.98 0.40
C GLU A 66 -6.13 -0.19 1.65
N ILE A 67 -5.86 -0.89 2.73
CA ILE A 67 -5.55 -0.25 4.01
C ILE A 67 -4.34 0.67 3.91
N LYS A 68 -3.26 0.12 3.35
CA LYS A 68 -2.02 0.87 3.19
C LYS A 68 -2.27 2.11 2.32
N ILE A 69 -2.98 1.93 1.21
CA ILE A 69 -3.29 3.04 0.33
C ILE A 69 -4.21 4.06 1.01
N LEU A 70 -5.21 3.58 1.74
CA LEU A 70 -6.13 4.48 2.42
C LEU A 70 -5.42 5.32 3.50
N GLN A 71 -4.46 4.69 4.16
CA GLN A 71 -3.71 5.36 5.20
C GLN A 71 -2.75 6.37 4.58
N LEU A 72 -2.36 6.14 3.33
CA LEU A 72 -1.45 7.07 2.66
C LEU A 72 -2.17 8.27 2.10
N LEU A 73 -3.28 8.01 1.41
CA LEU A 73 -4.07 9.06 0.77
C LEU A 73 -4.98 9.87 1.68
N LYS A 74 -4.65 11.14 1.83
CA LYS A 74 -5.42 12.05 2.65
C LYS A 74 -5.63 13.33 1.85
N HIS A 75 -6.85 13.50 1.35
CA HIS A 75 -7.19 14.63 0.50
C HIS A 75 -8.70 14.80 0.47
N GLU A 76 -9.12 16.06 0.35
CA GLU A 76 -10.52 16.43 0.32
C GLU A 76 -11.39 15.61 -0.61
N ASN A 77 -10.84 15.17 -1.74
CA ASN A 77 -11.63 14.40 -2.68
C ASN A 77 -11.35 12.89 -2.71
N VAL A 78 -10.83 12.36 -1.61
CA VAL A 78 -10.58 10.94 -1.49
C VAL A 78 -11.29 10.50 -0.20
N VAL A 79 -11.87 9.31 -0.23
CA VAL A 79 -12.58 8.80 0.94
C VAL A 79 -11.66 8.75 2.17
N ASN A 80 -12.18 9.15 3.33
CA ASN A 80 -11.35 9.14 4.53
C ASN A 80 -11.54 7.98 5.47
N LEU A 81 -10.49 7.18 5.62
CA LEU A 81 -10.49 6.05 6.53
C LEU A 81 -10.13 6.58 7.93
N ILE A 82 -11.06 6.43 8.87
CA ILE A 82 -10.86 6.88 10.25
C ILE A 82 -10.00 5.90 11.04
N GLU A 83 -10.36 4.63 11.00
CA GLU A 83 -9.62 3.64 11.75
C GLU A 83 -10.05 2.28 11.27
N ILE A 84 -9.44 1.25 11.84
CA ILE A 84 -9.76 -0.12 11.52
C ILE A 84 -10.16 -0.73 12.87
N CYS A 85 -11.38 -1.26 12.95
CA CYS A 85 -11.89 -1.86 14.16
C CYS A 85 -12.08 -3.36 14.02
N ARG A 86 -12.42 -3.99 15.13
CA ARG A 86 -12.63 -5.42 15.14
C ARG A 86 -13.79 -5.78 16.02
N THR A 87 -14.28 -6.99 15.84
CA THR A 87 -15.37 -7.53 16.65
C THR A 87 -14.66 -8.69 17.32
N LYS A 88 -14.53 -8.62 18.65
CA LYS A 88 -13.87 -9.69 19.40
C LYS A 88 -14.39 -11.07 19.03
N GLY A 97 -14.54 -13.96 14.11
CA GLY A 97 -14.09 -12.59 14.33
C GLY A 97 -13.99 -11.81 13.02
N SER A 98 -14.35 -10.54 13.05
CA SER A 98 -14.29 -9.72 11.84
C SER A 98 -13.45 -8.45 12.00
N ILE A 99 -13.05 -7.90 10.86
CA ILE A 99 -12.26 -6.68 10.81
C ILE A 99 -13.06 -5.69 9.97
N TYR A 100 -13.14 -4.45 10.45
CA TYR A 100 -13.90 -3.42 9.77
C TYR A 100 -13.11 -2.16 9.50
N LEU A 101 -13.20 -1.70 8.26
CA LEU A 101 -12.59 -0.45 7.86
C LEU A 101 -13.69 0.55 8.16
N VAL A 102 -13.38 1.59 8.93
CA VAL A 102 -14.36 2.63 9.28
C VAL A 102 -14.09 3.89 8.48
N PHE A 103 -15.10 4.37 7.75
CA PHE A 103 -14.97 5.56 6.91
C PHE A 103 -15.90 6.71 7.29
N ASP A 104 -15.50 7.91 6.92
CA ASP A 104 -16.38 9.04 7.13
C ASP A 104 -17.48 8.71 6.15
N PHE A 105 -18.73 8.87 6.58
CA PHE A 105 -19.88 8.53 5.77
C PHE A 105 -20.27 9.58 4.73
N CYS A 106 -20.56 9.12 3.51
CA CYS A 106 -20.98 10.00 2.43
C CYS A 106 -22.38 9.50 2.07
N GLU A 107 -23.31 10.43 2.02
CA GLU A 107 -24.69 10.11 1.75
C GLU A 107 -24.99 9.53 0.38
N HIS A 108 -24.34 10.02 -0.68
CA HIS A 108 -24.67 9.53 -2.02
C HIS A 108 -23.54 9.02 -2.88
N ASP A 109 -23.88 8.13 -3.80
CA ASP A 109 -22.90 7.66 -4.78
C ASP A 109 -23.42 8.25 -6.09
N LEU A 110 -22.52 8.50 -7.03
CA LEU A 110 -22.90 9.11 -8.30
C LEU A 110 -23.82 8.23 -9.12
N ALA A 111 -23.57 6.93 -9.12
CA ALA A 111 -24.41 5.99 -9.86
C ALA A 111 -25.88 6.16 -9.45
N GLY A 112 -26.12 6.30 -8.15
CA GLY A 112 -27.48 6.46 -7.64
C GLY A 112 -28.11 7.81 -7.96
N LEU A 113 -27.31 8.88 -7.86
CA LEU A 113 -27.82 10.20 -8.20
C LEU A 113 -28.15 10.30 -9.70
N LEU A 114 -27.35 9.65 -10.54
CA LEU A 114 -27.58 9.72 -11.99
C LEU A 114 -28.74 8.83 -12.44
N SER A 115 -28.90 7.66 -11.81
CA SER A 115 -29.99 6.76 -12.15
C SER A 115 -31.31 7.45 -11.84
N ASN A 116 -31.35 8.15 -10.72
CA ASN A 116 -32.56 8.85 -10.29
C ASN A 116 -32.72 10.10 -11.13
N VAL A 117 -33.22 9.92 -12.35
CA VAL A 117 -33.45 10.99 -13.30
C VAL A 117 -34.34 12.13 -12.77
N LEU A 118 -34.84 12.01 -11.55
CA LEU A 118 -35.65 13.09 -11.02
C LEU A 118 -34.72 14.15 -10.45
N VAL A 119 -33.49 13.74 -10.14
CA VAL A 119 -32.47 14.65 -9.62
C VAL A 119 -31.94 15.43 -10.82
N LYS A 120 -31.78 16.73 -10.68
CA LYS A 120 -31.31 17.56 -11.78
C LYS A 120 -29.91 18.10 -11.62
N PHE A 121 -29.14 18.09 -12.71
CA PHE A 121 -27.76 18.61 -12.69
C PHE A 121 -27.62 19.81 -13.63
N THR A 122 -27.24 20.98 -13.11
CA THR A 122 -27.02 22.13 -13.99
C THR A 122 -25.63 21.94 -14.59
N LEU A 123 -25.40 22.49 -15.77
CA LEU A 123 -24.09 22.37 -16.43
C LEU A 123 -22.99 22.78 -15.46
N SER A 124 -23.27 23.81 -14.69
CA SER A 124 -22.35 24.35 -13.70
C SER A 124 -21.99 23.34 -12.60
N GLU A 125 -23.00 22.60 -12.14
CA GLU A 125 -22.82 21.59 -11.11
C GLU A 125 -22.05 20.41 -11.68
N ILE A 126 -22.34 20.07 -12.92
CA ILE A 126 -21.62 18.98 -13.53
C ILE A 126 -20.13 19.39 -13.55
N LYS A 127 -19.86 20.64 -13.89
CA LYS A 127 -18.49 21.10 -13.91
C LYS A 127 -17.82 20.86 -12.56
N ARG A 128 -18.48 21.28 -11.49
CA ARG A 128 -17.93 21.09 -10.15
C ARG A 128 -17.70 19.60 -9.84
N VAL A 129 -18.60 18.75 -10.30
CA VAL A 129 -18.46 17.32 -10.06
C VAL A 129 -17.21 16.80 -10.72
N MET A 130 -17.06 17.08 -12.02
CA MET A 130 -15.86 16.63 -12.74
C MET A 130 -14.56 17.24 -12.21
N GLN A 131 -14.64 18.49 -11.75
CA GLN A 131 -13.45 19.16 -11.22
C GLN A 131 -12.92 18.43 -9.96
N MET A 132 -13.83 18.09 -9.06
CA MET A 132 -13.45 17.40 -7.82
C MET A 132 -12.89 16.00 -8.14
N LEU A 133 -13.56 15.31 -9.05
CA LEU A 133 -13.16 13.99 -9.49
C LEU A 133 -11.74 14.03 -10.07
N LEU A 134 -11.48 14.96 -10.99
CA LEU A 134 -10.16 15.08 -11.61
C LEU A 134 -9.10 15.53 -10.60
N ASN A 135 -9.49 16.34 -9.63
CA ASN A 135 -8.57 16.78 -8.61
C ASN A 135 -8.24 15.59 -7.73
N GLY A 136 -9.23 14.73 -7.50
CA GLY A 136 -8.98 13.55 -6.70
C GLY A 136 -8.04 12.61 -7.43
N LEU A 137 -8.25 12.45 -8.74
CA LEU A 137 -7.38 11.55 -9.50
C LEU A 137 -5.94 12.09 -9.58
N TYR A 138 -5.78 13.40 -9.67
CA TYR A 138 -4.45 14.01 -9.71
C TYR A 138 -3.70 13.59 -8.45
N TYR A 139 -4.36 13.83 -7.33
CA TYR A 139 -3.78 13.51 -6.04
C TYR A 139 -3.37 12.06 -5.92
N ILE A 140 -4.24 11.12 -6.24
CA ILE A 140 -3.83 9.75 -6.09
C ILE A 140 -2.71 9.34 -7.06
N HIS A 141 -2.73 9.87 -8.28
CA HIS A 141 -1.69 9.51 -9.24
C HIS A 141 -0.37 10.14 -8.81
N ARG A 142 -0.42 11.37 -8.32
CA ARG A 142 0.77 12.06 -7.82
C ARG A 142 1.41 11.17 -6.74
N ASN A 143 0.59 10.52 -5.94
CA ASN A 143 1.08 9.63 -4.88
C ASN A 143 1.35 8.21 -5.32
N LYS A 144 1.41 8.04 -6.64
CA LYS A 144 1.72 6.75 -7.24
C LYS A 144 0.73 5.61 -6.98
N ILE A 145 -0.55 5.95 -7.02
CA ILE A 145 -1.58 4.96 -6.83
C ILE A 145 -2.49 4.95 -8.04
N LEU A 146 -2.89 3.75 -8.46
CA LEU A 146 -3.84 3.59 -9.57
C LEU A 146 -5.10 3.10 -8.90
N HIS A 147 -6.24 3.71 -9.20
CA HIS A 147 -7.49 3.29 -8.60
C HIS A 147 -7.96 1.92 -9.10
N ARG A 148 -8.01 1.74 -10.41
CA ARG A 148 -8.43 0.47 -11.01
C ARG A 148 -9.87 -0.03 -10.81
N ASP A 149 -10.77 0.82 -10.37
CA ASP A 149 -12.16 0.40 -10.22
C ASP A 149 -13.04 1.62 -10.37
N MET A 150 -12.69 2.48 -11.32
CA MET A 150 -13.49 3.67 -11.55
C MET A 150 -14.85 3.24 -12.09
N LYS A 151 -15.88 3.96 -11.68
CA LYS A 151 -17.24 3.70 -12.12
C LYS A 151 -18.05 4.64 -11.29
N ALA A 152 -19.23 5.00 -11.79
CA ALA A 152 -20.10 5.93 -11.10
C ALA A 152 -20.41 5.55 -9.65
N ALA A 153 -20.58 4.27 -9.37
CA ALA A 153 -20.90 3.86 -7.99
C ALA A 153 -19.76 4.10 -6.99
N ASN A 154 -18.53 4.25 -7.49
CA ASN A 154 -17.37 4.47 -6.61
C ASN A 154 -17.00 5.95 -6.48
N VAL A 155 -17.95 6.82 -6.76
CA VAL A 155 -17.76 8.26 -6.67
C VAL A 155 -18.83 8.70 -5.71
N LEU A 156 -18.43 9.07 -4.51
CA LEU A 156 -19.39 9.48 -3.53
C LEU A 156 -19.55 10.99 -3.47
N ILE A 157 -20.71 11.43 -3.02
CA ILE A 157 -20.94 12.85 -2.83
C ILE A 157 -21.56 12.99 -1.44
N THR A 158 -21.01 13.87 -0.62
CA THR A 158 -21.54 14.07 0.72
C THR A 158 -22.73 15.02 0.70
N ARG A 159 -23.46 15.01 1.79
CA ARG A 159 -24.61 15.86 2.00
C ARG A 159 -24.16 17.31 1.81
N ASP A 160 -22.93 17.62 2.20
CA ASP A 160 -22.39 18.98 2.06
C ASP A 160 -21.90 19.27 0.64
N GLY A 161 -22.07 18.34 -0.27
CA GLY A 161 -21.64 18.58 -1.63
C GLY A 161 -20.17 18.33 -1.99
N VAL A 162 -19.45 17.55 -1.20
CA VAL A 162 -18.05 17.28 -1.53
C VAL A 162 -17.93 15.86 -2.11
N LEU A 163 -17.31 15.77 -3.29
CA LEU A 163 -17.13 14.46 -3.93
C LEU A 163 -15.91 13.74 -3.39
N LYS A 164 -16.01 12.41 -3.24
CA LYS A 164 -14.92 11.60 -2.74
C LYS A 164 -14.73 10.36 -3.58
N LEU A 165 -13.49 10.13 -4.01
CA LEU A 165 -13.20 8.92 -4.75
C LEU A 165 -13.25 7.85 -3.68
N ALA A 166 -13.93 6.73 -3.96
CA ALA A 166 -14.04 5.68 -2.96
C ALA A 166 -13.72 4.30 -3.48
N ASP A 167 -13.75 3.36 -2.55
CA ASP A 167 -13.48 1.97 -2.84
C ASP A 167 -12.13 1.76 -3.51
N PHE A 168 -11.08 1.72 -2.68
CA PHE A 168 -9.72 1.48 -3.15
C PHE A 168 -9.40 0.01 -2.97
N GLY A 169 -10.46 -0.80 -2.91
CA GLY A 169 -10.27 -2.22 -2.71
C GLY A 169 -9.50 -2.93 -3.80
N LEU A 170 -9.33 -2.30 -4.96
CA LEU A 170 -8.58 -2.96 -6.03
C LEU A 170 -7.44 -2.06 -6.52
N ALA A 171 -7.08 -1.09 -5.71
CA ALA A 171 -6.01 -0.17 -6.08
C ALA A 171 -4.64 -0.77 -5.77
N ARG A 172 -3.60 -0.24 -6.40
CA ARG A 172 -2.23 -0.67 -6.16
C ARG A 172 -1.30 0.50 -6.46
N ALA A 173 -0.06 0.39 -6.05
CA ALA A 173 0.91 1.45 -6.29
C ALA A 173 1.59 1.18 -7.62
N PHE A 174 2.02 2.23 -8.31
CA PHE A 174 2.69 2.00 -9.57
C PHE A 174 4.03 2.70 -9.55
N SER A 175 4.89 2.33 -10.48
CA SER A 175 6.22 2.92 -10.55
C SER A 175 6.33 4.01 -11.58
N LEU A 176 6.96 5.10 -11.18
CA LEU A 176 7.18 6.23 -12.06
C LEU A 176 8.46 5.90 -12.80
N ALA A 177 8.36 4.97 -13.74
CA ALA A 177 9.51 4.53 -14.49
C ALA A 177 9.50 4.91 -15.96
N LYS A 178 10.11 6.05 -16.29
CA LYS A 178 10.22 6.49 -17.68
C LYS A 178 11.49 5.80 -18.14
N ASN A 179 12.26 5.42 -17.12
CA ASN A 179 13.56 4.79 -17.27
C ASN A 179 13.70 3.41 -17.92
N SER A 180 14.01 2.44 -17.07
CA SER A 180 14.30 1.06 -17.43
C SER A 180 13.24 0.03 -17.85
N GLN A 181 13.19 -1.02 -17.04
CA GLN A 181 12.31 -2.16 -17.27
C GLN A 181 10.82 -1.95 -17.26
N PRO A 182 10.10 -2.88 -17.91
CA PRO A 182 8.64 -2.89 -18.05
C PRO A 182 8.00 -3.45 -16.80
N ASN A 183 6.95 -2.78 -16.33
CA ASN A 183 6.24 -3.27 -15.17
C ASN A 183 5.24 -4.27 -15.72
N ARG A 184 4.91 -5.27 -14.92
CA ARG A 184 3.95 -6.32 -15.29
C ARG A 184 2.85 -6.37 -14.24
N TYR A 185 1.89 -5.45 -14.33
CA TYR A 185 0.78 -5.39 -13.38
C TYR A 185 -0.39 -6.28 -13.77
N ASN A 187 -3.44 -7.66 -15.22
CA ASN A 187 -4.20 -7.15 -16.36
C ASN A 187 -5.71 -7.10 -16.24
N ARG A 188 -6.32 -8.08 -15.58
CA ARG A 188 -7.78 -8.04 -15.48
C ARG A 188 -8.23 -7.14 -14.36
N VAL A 189 -8.30 -5.84 -14.66
CA VAL A 189 -8.72 -4.86 -13.68
C VAL A 189 -9.72 -3.90 -14.29
N VAL A 190 -10.51 -3.29 -13.42
CA VAL A 190 -11.53 -2.33 -13.80
C VAL A 190 -12.76 -3.04 -14.35
N THR A 191 -13.92 -2.57 -13.93
CA THR A 191 -15.21 -3.07 -14.41
C THR A 191 -15.22 -2.95 -15.93
N LEU A 192 -15.77 -3.97 -16.59
CA LEU A 192 -15.84 -4.01 -18.05
C LEU A 192 -16.30 -2.73 -18.74
N TRP A 193 -17.47 -2.23 -18.34
CA TRP A 193 -18.02 -1.03 -18.95
C TRP A 193 -17.12 0.20 -18.85
N TYR A 194 -16.16 0.15 -17.91
CA TYR A 194 -15.27 1.29 -17.72
C TYR A 194 -13.81 0.95 -18.01
N ARG A 195 -13.57 -0.21 -18.59
CA ARG A 195 -12.21 -0.62 -18.89
C ARG A 195 -11.64 0.00 -20.17
N PRO A 196 -10.48 0.67 -20.06
CA PRO A 196 -9.85 1.29 -21.24
C PRO A 196 -9.38 0.21 -22.22
N PRO A 197 -9.27 0.58 -23.51
CA PRO A 197 -8.84 -0.34 -24.58
C PRO A 197 -7.53 -1.06 -24.31
N GLU A 198 -6.51 -0.34 -23.83
CA GLU A 198 -5.21 -0.96 -23.60
C GLU A 198 -5.30 -2.21 -22.74
N LEU A 199 -6.17 -2.20 -21.74
CA LEU A 199 -6.32 -3.36 -20.85
C LEU A 199 -7.03 -4.51 -21.56
N LEU A 200 -8.06 -4.19 -22.34
CA LEU A 200 -8.79 -5.22 -23.07
C LEU A 200 -7.83 -5.88 -24.05
N LEU A 201 -6.79 -5.14 -24.44
CA LEU A 201 -5.79 -5.63 -25.38
C LEU A 201 -4.63 -6.36 -24.74
N GLY A 202 -4.72 -6.62 -23.44
CA GLY A 202 -3.65 -7.35 -22.77
C GLY A 202 -2.54 -6.58 -22.08
N GLU A 203 -2.55 -5.26 -22.17
CA GLU A 203 -1.51 -4.44 -21.53
C GLU A 203 -1.32 -4.74 -20.05
N ARG A 204 -0.06 -4.85 -19.63
CA ARG A 204 0.27 -5.11 -18.22
C ARG A 204 1.20 -4.02 -17.69
N ASP A 205 1.57 -3.09 -18.56
CA ASP A 205 2.44 -2.00 -18.18
C ASP A 205 1.60 -0.76 -18.39
N TYR A 206 0.54 -0.62 -17.61
CA TYR A 206 -0.36 0.51 -17.73
C TYR A 206 -0.11 1.52 -16.60
N GLY A 207 -0.78 2.67 -16.68
CA GLY A 207 -0.58 3.68 -15.66
C GLY A 207 -1.81 4.52 -15.43
N PRO A 208 -1.65 5.73 -14.89
CA PRO A 208 -2.77 6.63 -14.63
C PRO A 208 -3.83 6.75 -15.73
N PRO A 209 -3.46 6.56 -17.01
CA PRO A 209 -4.50 6.68 -18.05
C PRO A 209 -5.71 5.75 -17.94
N ILE A 210 -5.54 4.57 -17.36
CA ILE A 210 -6.68 3.68 -17.23
C ILE A 210 -7.78 4.30 -16.35
N ASP A 211 -7.38 5.19 -15.44
CA ASP A 211 -8.34 5.83 -14.56
C ASP A 211 -9.01 6.99 -15.24
N LEU A 212 -8.26 7.69 -16.10
CA LEU A 212 -8.85 8.80 -16.80
C LEU A 212 -9.85 8.32 -17.85
N TRP A 213 -9.63 7.12 -18.39
CA TRP A 213 -10.58 6.61 -19.36
C TRP A 213 -11.88 6.54 -18.57
N GLY A 214 -11.81 5.93 -17.39
CA GLY A 214 -12.96 5.82 -16.53
C GLY A 214 -13.61 7.17 -16.23
N ALA A 215 -12.78 8.21 -16.02
CA ALA A 215 -13.30 9.54 -15.73
C ALA A 215 -14.04 10.05 -16.97
N GLY A 216 -13.63 9.57 -18.13
CA GLY A 216 -14.29 9.94 -19.37
C GLY A 216 -15.66 9.27 -19.48
N CYS A 217 -15.71 7.97 -19.22
CA CYS A 217 -16.98 7.23 -19.25
C CYS A 217 -17.96 7.84 -18.28
N ILE A 218 -17.48 8.18 -17.08
CA ILE A 218 -18.32 8.79 -16.05
C ILE A 218 -18.80 10.17 -16.49
N MET A 219 -17.93 10.94 -17.13
CA MET A 219 -18.32 12.28 -17.53
C MET A 219 -19.49 12.19 -18.51
N ALA A 220 -19.41 11.26 -19.46
CA ALA A 220 -20.50 11.08 -20.43
C ALA A 220 -21.80 10.85 -19.69
N GLU A 221 -21.78 9.94 -18.70
CA GLU A 221 -22.97 9.62 -17.92
C GLU A 221 -23.59 10.80 -17.22
N MET A 222 -22.82 11.86 -16.96
CA MET A 222 -23.38 13.01 -16.29
C MET A 222 -24.53 13.56 -17.14
N TRP A 223 -24.49 13.30 -18.45
CA TRP A 223 -25.56 13.75 -19.31
C TRP A 223 -26.46 12.57 -19.68
N THR A 224 -25.87 11.48 -20.16
CA THR A 224 -26.65 10.32 -20.58
C THR A 224 -27.45 9.64 -19.47
N ARG A 225 -26.95 9.70 -18.24
CA ARG A 225 -27.62 9.13 -17.08
C ARG A 225 -27.50 7.61 -16.91
N SER A 226 -26.67 6.99 -17.74
CA SER A 226 -26.43 5.56 -17.64
C SER A 226 -25.17 5.23 -18.45
N PRO A 227 -24.42 4.20 -18.05
CA PRO A 227 -23.19 3.78 -18.74
C PRO A 227 -23.35 3.78 -20.25
N ILE A 228 -22.42 4.44 -20.95
CA ILE A 228 -22.47 4.56 -22.40
C ILE A 228 -22.00 3.35 -23.19
N MET A 229 -21.19 2.49 -22.59
CA MET A 229 -20.71 1.30 -23.28
C MET A 229 -20.86 0.09 -22.36
N GLN A 230 -22.00 -0.58 -22.46
CA GLN A 230 -22.32 -1.74 -21.64
C GLN A 230 -22.05 -3.07 -22.34
N GLY A 231 -20.77 -3.41 -22.49
CA GLY A 231 -20.40 -4.65 -23.15
C GLY A 231 -20.80 -5.89 -22.36
N ASN A 232 -21.10 -6.96 -23.07
CA ASN A 232 -21.50 -8.21 -22.43
C ASN A 232 -20.27 -9.06 -22.16
N THR A 233 -19.23 -8.85 -22.96
CA THR A 233 -17.99 -9.60 -22.83
C THR A 233 -16.85 -8.69 -23.23
N GLU A 234 -15.63 -9.15 -23.03
CA GLU A 234 -14.48 -8.35 -23.38
C GLU A 234 -14.47 -8.05 -24.86
N GLN A 235 -14.82 -9.05 -25.66
CA GLN A 235 -14.85 -8.90 -27.11
C GLN A 235 -15.94 -7.91 -27.51
N HIS A 236 -17.05 -7.96 -26.78
CA HIS A 236 -18.17 -7.07 -27.04
C HIS A 236 -17.81 -5.63 -26.60
N GLN A 237 -17.13 -5.53 -25.46
CA GLN A 237 -16.73 -4.23 -24.92
C GLN A 237 -15.84 -3.52 -25.94
N LEU A 238 -14.92 -4.28 -26.53
CA LEU A 238 -14.02 -3.72 -27.53
C LEU A 238 -14.81 -3.28 -28.74
N ALA A 239 -15.85 -4.03 -29.05
CA ALA A 239 -16.71 -3.73 -30.19
C ALA A 239 -17.31 -2.33 -30.06
N LEU A 240 -17.94 -2.08 -28.91
CA LEU A 240 -18.59 -0.79 -28.65
C LEU A 240 -17.62 0.40 -28.60
N ILE A 241 -16.39 0.13 -28.16
CA ILE A 241 -15.38 1.19 -28.08
C ILE A 241 -14.98 1.57 -29.50
N SER A 242 -14.89 0.56 -30.37
CA SER A 242 -14.54 0.77 -31.75
C SER A 242 -15.71 1.54 -32.39
N GLN A 243 -16.91 1.10 -32.10
CA GLN A 243 -18.11 1.72 -32.63
C GLN A 243 -18.27 3.17 -32.21
N LEU A 244 -17.80 3.52 -31.02
CA LEU A 244 -17.93 4.89 -30.55
C LEU A 244 -16.68 5.75 -30.71
N CYS A 245 -15.51 5.15 -30.49
CA CYS A 245 -14.27 5.90 -30.58
C CYS A 245 -13.52 5.82 -31.91
N GLY A 246 -13.83 4.79 -32.70
CA GLY A 246 -13.15 4.61 -33.97
C GLY A 246 -12.38 3.31 -33.92
N SER A 247 -12.31 2.59 -35.04
CA SER A 247 -11.58 1.33 -35.06
C SER A 247 -10.20 1.53 -34.45
N ILE A 248 -9.70 0.47 -33.83
CA ILE A 248 -8.40 0.50 -33.17
C ILE A 248 -7.32 0.09 -34.17
N THR A 249 -6.65 1.08 -34.73
CA THR A 249 -5.61 0.83 -35.70
C THR A 249 -4.32 1.52 -35.29
N PRO A 250 -3.18 1.06 -35.83
CA PRO A 250 -1.85 1.61 -35.56
C PRO A 250 -1.74 3.05 -36.06
N GLU A 251 -2.77 3.50 -36.74
CA GLU A 251 -2.80 4.85 -37.27
C GLU A 251 -3.13 5.87 -36.18
N VAL A 252 -4.05 5.49 -35.30
CA VAL A 252 -4.44 6.39 -34.22
C VAL A 252 -3.77 5.95 -32.92
N TRP A 253 -3.23 4.75 -32.93
CA TRP A 253 -2.55 4.18 -31.75
C TRP A 253 -1.26 3.47 -32.18
N PRO A 254 -0.19 4.24 -32.43
CA PRO A 254 1.09 3.68 -32.86
C PRO A 254 1.61 2.50 -32.06
N ASN A 255 1.91 1.42 -32.76
CA ASN A 255 2.43 0.21 -32.17
C ASN A 255 1.40 -0.64 -31.46
N VAL A 256 0.12 -0.33 -31.64
CA VAL A 256 -0.92 -1.13 -31.02
C VAL A 256 -0.79 -2.53 -31.59
N ASP A 257 -0.04 -2.60 -32.69
CA ASP A 257 0.25 -3.82 -33.45
C ASP A 257 0.84 -4.92 -32.57
N ASN A 258 1.88 -4.55 -31.84
CA ASN A 258 2.60 -5.47 -30.97
C ASN A 258 1.77 -6.26 -29.96
N TYR A 259 0.63 -5.73 -29.55
CA TYR A 259 -0.18 -6.48 -28.60
C TYR A 259 -0.44 -7.88 -29.13
N GLU A 260 -0.22 -8.88 -28.27
CA GLU A 260 -0.43 -10.26 -28.63
C GLU A 260 -1.84 -10.43 -29.15
N LEU A 261 -2.79 -9.98 -28.34
CA LEU A 261 -4.21 -10.08 -28.66
C LEU A 261 -4.69 -9.18 -29.80
N TYR A 262 -3.80 -8.37 -30.36
CA TYR A 262 -4.22 -7.49 -31.44
C TYR A 262 -4.72 -8.29 -32.62
N GLU A 263 -4.08 -9.43 -32.86
CA GLU A 263 -4.43 -10.30 -33.97
C GLU A 263 -5.56 -11.24 -33.56
N LYS A 264 -5.26 -12.09 -32.58
CA LYS A 264 -6.20 -13.09 -32.08
C LYS A 264 -7.52 -12.56 -31.55
N LEU A 265 -7.89 -11.33 -31.92
CA LEU A 265 -9.15 -10.76 -31.45
C LEU A 265 -9.99 -10.16 -32.58
N GLU A 266 -11.27 -10.52 -32.58
CA GLU A 266 -12.20 -9.98 -33.58
C GLU A 266 -12.10 -8.48 -33.38
N LEU A 267 -11.81 -7.75 -34.45
CA LEU A 267 -11.68 -6.30 -34.31
C LEU A 267 -12.11 -5.53 -35.55
N VAL A 268 -13.30 -4.94 -35.50
CA VAL A 268 -13.82 -4.15 -36.62
C VAL A 268 -12.80 -3.13 -37.12
N LYS A 269 -12.60 -3.07 -38.44
CA LYS A 269 -11.60 -2.19 -39.04
C LYS A 269 -12.06 -0.89 -39.70
N GLY A 270 -13.34 -0.77 -40.05
CA GLY A 270 -13.78 0.45 -40.72
C GLY A 270 -14.44 1.55 -39.90
N GLN A 271 -14.45 1.38 -38.58
CA GLN A 271 -15.09 2.35 -37.67
C GLN A 271 -14.43 3.73 -37.61
N LYS A 272 -15.26 4.76 -37.61
CA LYS A 272 -14.79 6.14 -37.52
C LYS A 272 -15.19 6.68 -36.15
N ARG A 273 -14.37 7.56 -35.57
CA ARG A 273 -14.66 8.12 -34.26
C ARG A 273 -15.96 8.95 -34.29
N LYS A 274 -16.95 8.50 -33.50
CA LYS A 274 -18.25 9.15 -33.44
C LYS A 274 -18.55 9.70 -32.05
N VAL A 275 -17.52 9.87 -31.24
CA VAL A 275 -17.69 10.35 -29.88
C VAL A 275 -18.56 11.58 -29.72
N LYS A 276 -18.24 12.65 -30.42
CA LYS A 276 -19.02 13.89 -30.28
C LYS A 276 -20.41 13.83 -30.91
N ASP A 277 -20.55 13.10 -32.01
CA ASP A 277 -21.86 12.99 -32.64
C ASP A 277 -22.84 12.28 -31.72
N ARG A 278 -22.46 11.08 -31.28
CA ARG A 278 -23.32 10.30 -30.39
C ARG A 278 -23.71 11.00 -29.10
N LEU A 279 -22.80 11.79 -28.54
CA LEU A 279 -23.10 12.50 -27.29
C LEU A 279 -23.69 13.87 -27.53
N LYS A 280 -23.60 14.33 -28.78
CA LYS A 280 -24.11 15.62 -29.22
C LYS A 280 -25.47 15.95 -28.60
N ALA A 281 -26.47 15.15 -28.92
CA ALA A 281 -27.83 15.35 -28.41
C ALA A 281 -27.87 15.50 -26.90
N TYR A 282 -27.05 14.72 -26.21
CA TYR A 282 -27.01 14.74 -24.75
C TYR A 282 -26.26 15.90 -24.12
N VAL A 283 -25.00 16.07 -24.49
CA VAL A 283 -24.17 17.12 -23.90
C VAL A 283 -24.48 18.55 -24.30
N ARG A 284 -24.33 18.88 -25.59
CA ARG A 284 -24.59 20.23 -26.09
C ARG A 284 -23.40 21.18 -25.99
N ASP A 285 -23.03 21.60 -24.77
CA ASP A 285 -21.89 22.51 -24.59
C ASP A 285 -20.62 21.93 -25.22
N PRO A 286 -20.02 22.65 -26.20
CA PRO A 286 -18.80 22.25 -26.91
C PRO A 286 -17.57 21.96 -26.06
N TYR A 287 -17.36 22.75 -25.01
CA TYR A 287 -16.19 22.52 -24.15
C TYR A 287 -16.34 21.15 -23.50
N ALA A 288 -17.53 20.85 -23.00
CA ALA A 288 -17.83 19.57 -22.35
C ALA A 288 -17.60 18.39 -23.29
N LEU A 289 -17.99 18.57 -24.55
CA LEU A 289 -17.83 17.54 -25.55
C LEU A 289 -16.37 17.38 -25.96
N ASP A 290 -15.64 18.48 -25.89
CA ASP A 290 -14.23 18.40 -26.26
C ASP A 290 -13.46 17.60 -25.19
N LEU A 291 -13.67 17.94 -23.92
CA LEU A 291 -12.99 17.23 -22.82
C LEU A 291 -13.31 15.73 -22.85
N ILE A 292 -14.59 15.38 -23.02
CA ILE A 292 -14.96 13.97 -23.11
C ILE A 292 -14.22 13.30 -24.27
N ASP A 293 -14.11 14.04 -25.38
CA ASP A 293 -13.43 13.56 -26.56
C ASP A 293 -11.94 13.28 -26.25
N LYS A 294 -11.32 14.16 -25.47
CA LYS A 294 -9.91 13.98 -25.10
C LYS A 294 -9.71 12.89 -24.04
N LEU A 295 -10.72 12.66 -23.21
CA LEU A 295 -10.67 11.61 -22.19
C LEU A 295 -10.91 10.24 -22.83
N LEU A 296 -11.68 10.20 -23.92
CA LEU A 296 -11.96 8.93 -24.57
C LEU A 296 -11.12 8.69 -25.80
N VAL A 297 -9.81 8.77 -25.62
CA VAL A 297 -8.82 8.56 -26.66
C VAL A 297 -8.30 7.15 -26.46
N LEU A 298 -8.26 6.37 -27.53
CA LEU A 298 -7.83 4.98 -27.50
C LEU A 298 -6.42 4.75 -26.99
N ASP A 299 -5.46 5.46 -27.58
CA ASP A 299 -4.06 5.35 -27.19
C ASP A 299 -3.79 6.08 -25.87
N PRO A 300 -3.50 5.34 -24.80
CA PRO A 300 -3.24 5.95 -23.49
C PRO A 300 -2.23 7.10 -23.47
N ALA A 301 -1.17 7.00 -24.27
CA ALA A 301 -0.16 8.05 -24.32
C ALA A 301 -0.73 9.35 -24.85
N GLN A 302 -1.82 9.26 -25.60
CA GLN A 302 -2.43 10.46 -26.15
C GLN A 302 -3.65 10.92 -25.37
N ARG A 303 -4.11 10.08 -24.46
CA ARG A 303 -5.27 10.41 -23.62
C ARG A 303 -4.88 11.58 -22.70
N ILE A 304 -5.81 12.51 -22.47
CA ILE A 304 -5.52 13.65 -21.62
C ILE A 304 -5.33 13.20 -20.16
N ASP A 305 -4.50 13.91 -19.40
CA ASP A 305 -4.29 13.56 -17.99
C ASP A 305 -5.09 14.48 -17.08
N SER A 306 -5.10 14.17 -15.79
CA SER A 306 -5.92 14.96 -14.88
C SER A 306 -5.52 16.42 -14.81
N ASP A 307 -4.22 16.67 -14.82
CA ASP A 307 -3.67 18.02 -14.76
C ASP A 307 -4.20 18.88 -15.92
N ASP A 308 -3.98 18.44 -17.15
CA ASP A 308 -4.47 19.23 -18.29
C ASP A 308 -5.99 19.28 -18.29
N ALA A 309 -6.64 18.16 -17.97
CA ALA A 309 -8.10 18.12 -17.97
C ALA A 309 -8.65 19.20 -17.06
N LEU A 310 -7.95 19.45 -15.95
CA LEU A 310 -8.39 20.45 -14.99
C LEU A 310 -8.22 21.86 -15.52
N ASN A 311 -7.30 22.02 -16.47
CA ASN A 311 -7.06 23.34 -17.01
C ASN A 311 -7.72 23.55 -18.36
N HIS A 312 -8.58 22.61 -18.73
CA HIS A 312 -9.31 22.62 -19.98
C HIS A 312 -10.36 23.72 -19.87
N ASP A 313 -10.65 24.38 -20.99
CA ASP A 313 -11.63 25.47 -21.01
C ASP A 313 -12.98 25.15 -20.35
N PHE A 314 -13.36 23.89 -20.41
CA PHE A 314 -14.61 23.43 -19.79
C PHE A 314 -14.76 24.01 -18.39
N PHE A 315 -13.70 23.94 -17.59
CA PHE A 315 -13.71 24.44 -16.22
C PHE A 315 -13.45 25.92 -16.04
N TRP A 316 -13.14 26.61 -17.14
CA TRP A 316 -12.81 28.02 -17.01
C TRP A 316 -13.60 28.92 -17.93
N SER A 317 -14.77 28.46 -18.33
CA SER A 317 -15.62 29.22 -19.21
C SER A 317 -17.04 29.20 -18.67
N ASP A 318 -17.76 30.29 -18.89
CA ASP A 318 -19.13 30.41 -18.42
C ASP A 318 -20.01 29.32 -19.05
N PRO A 319 -20.87 28.68 -18.23
CA PRO A 319 -21.04 28.94 -16.81
C PRO A 319 -19.91 28.26 -16.02
N MET A 320 -19.46 28.91 -14.96
CA MET A 320 -18.37 28.42 -14.13
C MET A 320 -18.79 27.39 -13.09
N PRO A 321 -17.83 26.59 -12.57
CA PRO A 321 -18.20 25.59 -11.57
C PRO A 321 -18.97 26.22 -10.42
N SER A 322 -20.02 25.55 -9.94
CA SER A 322 -20.82 26.05 -8.84
C SER A 322 -20.93 24.94 -7.81
N ASP A 323 -21.38 25.25 -6.60
CA ASP A 323 -21.53 24.22 -5.59
C ASP A 323 -22.68 23.31 -6.00
N LEU A 324 -22.88 22.23 -5.27
CA LEU A 324 -23.92 21.25 -5.57
C LEU A 324 -25.16 21.38 -4.67
N LYS A 325 -25.44 22.59 -4.21
CA LYS A 325 -26.61 22.83 -3.35
C LYS A 325 -27.90 22.58 -4.12
N GLY A 326 -27.94 23.12 -5.34
CA GLY A 326 -29.10 22.96 -6.18
C GLY A 326 -29.40 21.49 -6.43
N MET A 327 -28.48 20.80 -7.09
CA MET A 327 -28.66 19.39 -7.38
C MET A 327 -29.10 18.65 -6.12
N LEU A 328 -28.54 19.04 -4.97
CA LEU A 328 -28.88 18.35 -3.74
C LEU A 328 -30.29 18.62 -3.22
N SER A 329 -30.89 19.71 -3.69
CA SER A 329 -32.25 20.05 -3.27
C SER A 329 -33.25 19.23 -4.10
N THR A 330 -32.87 18.83 -5.31
CA THR A 330 -33.75 18.03 -6.18
C THR A 330 -33.79 16.57 -5.71
N HIS A 331 -32.93 16.23 -4.78
CA HIS A 331 -32.94 14.89 -4.21
C HIS A 331 -33.98 15.08 -3.12
N LEU A 332 -35.04 14.28 -3.15
CA LEU A 332 -36.12 14.45 -2.19
C LEU A 332 -36.33 13.34 -1.15
N THR A 333 -37.34 13.55 -0.29
CA THR A 333 -37.66 12.63 0.80
C THR A 333 -38.67 11.52 0.58
N SER A 334 -39.35 11.53 -0.57
CA SER A 334 -40.33 10.49 -0.87
C SER A 334 -41.18 10.75 -2.11
N MET A 335 -42.01 9.76 -2.42
CA MET A 335 -42.90 9.77 -3.57
C MET A 335 -43.71 11.06 -3.78
N PHE A 336 -44.50 11.47 -2.78
CA PHE A 336 -45.30 12.68 -2.95
C PHE A 336 -44.50 13.95 -3.27
N GLU A 337 -43.32 14.11 -2.67
CA GLU A 337 -42.48 15.30 -2.93
C GLU A 337 -41.94 15.24 -4.36
N TYR A 338 -41.52 14.05 -4.78
CA TYR A 338 -40.99 13.86 -6.12
C TYR A 338 -42.08 14.07 -7.15
N LEU A 339 -43.22 13.44 -6.94
CA LEU A 339 -44.32 13.48 -7.90
C LEU A 339 -45.34 14.63 -7.85
N ALA A 340 -45.38 15.39 -6.77
CA ALA A 340 -46.35 16.49 -6.68
C ALA A 340 -45.89 17.78 -7.37
N PRO A 341 -46.82 18.47 -8.07
CA PRO A 341 -46.48 19.72 -8.77
C PRO A 341 -46.13 20.80 -7.75
N PRO A 342 -45.46 21.87 -8.18
CA PRO A 342 -45.11 22.93 -7.21
C PRO A 342 -46.04 24.15 -7.25
N ARG A 343 -47.24 24.03 -6.67
CA ARG A 343 -48.21 25.12 -6.72
C ARG A 343 -49.55 24.78 -6.07
N ARG A 344 -50.53 25.54 -6.56
CA ARG A 344 -51.93 25.44 -6.18
C ARG A 344 -52.74 25.32 -7.48
N ASN B 7 1.07 12.12 19.21
CA ASN B 7 1.49 10.79 19.75
C ASN B 7 1.31 9.70 18.69
N ASN B 8 0.53 9.98 17.66
CA ASN B 8 0.28 8.99 16.61
C ASN B 8 1.57 8.73 15.85
N ASN B 9 2.39 9.77 15.71
CA ASN B 9 3.68 9.66 15.03
C ASN B 9 4.68 9.20 16.08
N LYS B 10 4.31 9.35 17.36
CA LYS B 10 5.15 8.95 18.47
C LYS B 10 4.75 7.62 19.06
N ARG B 11 3.65 7.04 18.60
CA ARG B 11 3.17 5.77 19.12
C ARG B 11 4.20 4.65 19.23
N TRP B 12 5.00 4.48 18.19
CA TRP B 12 5.97 3.39 18.24
C TRP B 12 7.39 3.75 18.63
N TYR B 13 7.55 4.85 19.35
CA TYR B 13 8.87 5.23 19.84
C TYR B 13 8.76 5.20 21.35
N PHE B 14 9.77 4.61 21.99
CA PHE B 14 9.76 4.43 23.44
C PHE B 14 10.98 4.96 24.19
N THR B 15 10.74 5.48 25.40
CA THR B 15 11.81 5.99 26.29
C THR B 15 12.62 4.79 26.80
N ARG B 16 13.83 5.04 27.27
CA ARG B 16 14.67 3.95 27.78
C ARG B 16 13.96 3.24 28.92
N GLU B 17 13.10 3.98 29.61
CA GLU B 17 12.34 3.46 30.73
C GLU B 17 11.28 2.46 30.25
N GLN B 18 10.51 2.86 29.26
CA GLN B 18 9.46 2.00 28.72
C GLN B 18 10.05 0.74 28.09
N LEU B 19 11.20 0.88 27.44
CA LEU B 19 11.85 -0.27 26.84
C LEU B 19 12.17 -1.24 27.97
N GLU B 20 12.35 -0.69 29.17
CA GLU B 20 12.67 -1.48 30.35
C GLU B 20 11.42 -2.21 30.84
N ASN B 21 10.39 -1.43 31.13
CA ASN B 21 9.13 -1.97 31.60
C ASN B 21 8.33 -2.55 30.43
N SER B 22 8.92 -3.53 29.75
CA SER B 22 8.32 -4.18 28.59
C SER B 22 7.28 -5.23 28.99
N PRO B 23 6.41 -5.62 28.06
CA PRO B 23 5.39 -6.63 28.36
C PRO B 23 6.03 -7.94 28.88
N SER B 24 7.13 -8.34 28.27
CA SER B 24 7.84 -9.55 28.66
C SER B 24 8.41 -9.40 30.07
N ARG B 25 8.89 -8.20 30.40
CA ARG B 25 9.46 -7.93 31.71
C ARG B 25 8.41 -8.23 32.78
N ARG B 26 7.19 -7.76 32.57
CA ARG B 26 6.09 -7.98 33.51
C ARG B 26 5.81 -9.46 33.70
N PHE B 27 6.39 -10.29 32.83
CA PHE B 27 6.21 -11.73 32.94
C PHE B 27 7.55 -12.38 33.30
N GLY B 28 8.30 -11.69 34.13
CA GLY B 28 9.58 -12.22 34.57
C GLY B 28 10.62 -12.54 33.52
N VAL B 29 10.62 -11.80 32.41
CA VAL B 29 11.63 -12.04 31.39
C VAL B 29 12.68 -10.98 31.66
N ASP B 30 13.94 -11.40 31.81
CA ASP B 30 15.01 -10.45 32.06
C ASP B 30 15.37 -9.66 30.83
N PRO B 31 15.73 -8.38 31.03
CA PRO B 31 16.12 -7.43 29.98
C PRO B 31 17.00 -8.02 28.89
N ASP B 32 18.18 -8.51 29.26
CA ASP B 32 19.09 -9.06 28.28
C ASP B 32 18.51 -10.30 27.64
N LYS B 33 17.61 -10.97 28.35
CA LYS B 33 16.99 -12.16 27.82
C LYS B 33 16.06 -11.71 26.68
N GLU B 34 15.27 -10.67 26.95
CA GLU B 34 14.37 -10.18 25.93
C GLU B 34 15.16 -9.78 24.69
N LEU B 35 16.25 -9.07 24.91
CA LEU B 35 17.06 -8.59 23.80
C LEU B 35 17.62 -9.71 22.93
N SER B 36 17.96 -10.85 23.53
CA SER B 36 18.45 -11.97 22.74
C SER B 36 17.29 -12.54 21.94
N TYR B 37 16.11 -12.58 22.56
CA TYR B 37 14.91 -13.08 21.89
C TYR B 37 14.64 -12.29 20.60
N ARG B 38 14.78 -10.97 20.70
CA ARG B 38 14.59 -10.10 19.55
C ARG B 38 15.62 -10.48 18.49
N GLN B 39 16.88 -10.56 18.89
CA GLN B 39 17.97 -10.91 17.98
C GLN B 39 17.80 -12.29 17.38
N GLN B 40 17.20 -13.20 18.14
CA GLN B 40 16.97 -14.56 17.65
C GLN B 40 15.82 -14.52 16.65
N ALA B 41 14.80 -13.74 16.97
CA ALA B 41 13.67 -13.63 16.06
C ALA B 41 14.17 -13.03 14.74
N ALA B 42 15.02 -12.02 14.81
CA ALA B 42 15.55 -11.36 13.60
C ALA B 42 16.39 -12.27 12.73
N ASN B 43 17.15 -13.16 13.37
CA ASN B 43 18.00 -14.10 12.69
C ASN B 43 17.09 -15.09 11.96
N LEU B 44 16.07 -15.58 12.65
CA LEU B 44 15.12 -16.49 12.02
C LEU B 44 14.51 -15.78 10.80
N LEU B 45 13.97 -14.58 11.02
CA LEU B 45 13.35 -13.82 9.93
C LEU B 45 14.30 -13.68 8.75
N GLN B 46 15.58 -13.47 9.04
CA GLN B 46 16.56 -13.29 7.99
C GLN B 46 16.84 -14.61 7.28
N ASP B 47 16.83 -15.70 8.05
CA ASP B 47 17.10 -17.04 7.54
C ASP B 47 15.97 -17.50 6.63
N MET B 48 14.74 -17.51 7.15
CA MET B 48 13.60 -17.91 6.32
C MET B 48 13.52 -16.96 5.14
N GLY B 49 13.74 -15.68 5.41
CA GLY B 49 13.68 -14.69 4.35
C GLY B 49 14.54 -15.04 3.15
N GLN B 50 15.80 -15.35 3.39
CA GLN B 50 16.71 -15.71 2.30
C GLN B 50 16.30 -17.05 1.67
N ARG B 51 15.78 -17.97 2.48
CA ARG B 51 15.31 -19.26 1.96
C ARG B 51 14.24 -18.96 0.91
N LEU B 52 13.25 -18.15 1.31
CA LEU B 52 12.15 -17.78 0.43
C LEU B 52 12.59 -16.81 -0.67
N ASN B 53 13.79 -16.26 -0.51
CA ASN B 53 14.32 -15.32 -1.48
C ASN B 53 13.44 -14.07 -1.55
N VAL B 54 12.89 -13.67 -0.40
CA VAL B 54 12.09 -12.44 -0.34
C VAL B 54 13.16 -11.35 -0.30
N SER B 55 12.81 -10.13 -0.69
CA SER B 55 13.81 -9.06 -0.68
C SER B 55 14.23 -8.72 0.76
N GLN B 56 15.33 -7.97 0.89
CA GLN B 56 15.81 -7.56 2.21
C GLN B 56 14.79 -6.61 2.80
N LEU B 57 14.16 -5.79 1.94
CA LEU B 57 13.12 -4.86 2.37
C LEU B 57 12.03 -5.59 3.16
N THR B 58 11.70 -6.81 2.73
CA THR B 58 10.68 -7.65 3.37
C THR B 58 11.12 -8.12 4.75
N ILE B 59 12.36 -8.57 4.84
CA ILE B 59 12.92 -9.03 6.10
C ILE B 59 13.02 -7.85 7.09
N ASN B 60 13.48 -6.69 6.61
CA ASN B 60 13.61 -5.50 7.46
C ASN B 60 12.26 -5.07 8.02
N THR B 61 11.25 -5.05 7.16
CA THR B 61 9.90 -4.67 7.59
C THR B 61 9.38 -5.69 8.58
N ALA B 62 9.69 -6.96 8.34
CA ALA B 62 9.24 -8.04 9.21
C ALA B 62 9.86 -7.92 10.61
N ILE B 63 11.11 -7.48 10.66
CA ILE B 63 11.81 -7.30 11.93
C ILE B 63 11.21 -6.16 12.75
N VAL B 64 10.81 -5.08 12.08
CA VAL B 64 10.20 -3.97 12.78
C VAL B 64 8.83 -4.42 13.29
N TYR B 65 8.09 -5.18 12.47
CA TYR B 65 6.80 -5.69 12.91
C TYR B 65 7.05 -6.48 14.21
N MET B 66 8.12 -7.29 14.21
CA MET B 66 8.51 -8.09 15.37
C MET B 66 8.83 -7.21 16.59
N HIS B 67 9.71 -6.22 16.41
CA HIS B 67 10.10 -5.35 17.52
C HIS B 67 8.91 -4.60 18.10
N ARG B 68 7.99 -4.16 17.25
CA ARG B 68 6.82 -3.46 17.74
C ARG B 68 5.84 -4.41 18.42
N PHE B 69 5.67 -5.59 17.82
CA PHE B 69 4.78 -6.58 18.38
C PHE B 69 5.11 -6.76 19.87
N TYR B 70 6.40 -6.95 20.13
CA TYR B 70 6.87 -7.16 21.50
C TYR B 70 6.94 -5.99 22.45
N MET B 71 6.41 -4.84 22.06
CA MET B 71 6.37 -3.72 22.97
C MET B 71 4.96 -3.77 23.51
N ILE B 72 4.16 -4.66 22.92
CA ILE B 72 2.76 -4.80 23.33
C ILE B 72 2.46 -6.19 23.90
N GLN B 73 2.94 -7.23 23.22
CA GLN B 73 2.76 -8.61 23.65
C GLN B 73 4.07 -9.09 24.24
N SER B 74 3.98 -10.14 25.05
CA SER B 74 5.13 -10.73 25.74
C SER B 74 5.71 -11.98 25.07
N PHE B 75 7.04 -12.12 25.09
CA PHE B 75 7.71 -13.28 24.52
C PHE B 75 7.21 -14.55 25.22
N THR B 76 6.62 -14.37 26.40
CA THR B 76 6.08 -15.45 27.18
C THR B 76 4.91 -16.06 26.40
N GLN B 77 3.87 -15.27 26.23
CA GLN B 77 2.66 -15.70 25.54
C GLN B 77 2.83 -15.94 24.04
N PHE B 78 3.85 -15.35 23.44
CA PHE B 78 4.06 -15.49 22.00
C PHE B 78 5.52 -15.76 21.67
N PRO B 79 5.90 -17.04 21.57
CA PRO B 79 7.29 -17.41 21.25
C PRO B 79 7.78 -16.76 19.97
N GLY B 80 8.95 -16.15 20.02
CA GLY B 80 9.52 -15.52 18.85
C GLY B 80 9.52 -16.45 17.64
N ASN B 81 9.68 -17.75 17.87
CA ASN B 81 9.71 -18.70 16.76
C ASN B 81 8.35 -18.96 16.12
N SER B 82 7.28 -18.50 16.76
CA SER B 82 5.95 -18.67 16.20
C SER B 82 5.65 -17.41 15.41
N VAL B 83 5.78 -16.28 16.09
CA VAL B 83 5.52 -14.98 15.52
C VAL B 83 6.32 -14.67 14.26
N ALA B 84 7.58 -15.09 14.23
CA ALA B 84 8.42 -14.81 13.10
C ALA B 84 7.81 -15.26 11.76
N PRO B 85 7.45 -16.55 11.64
CA PRO B 85 6.85 -17.02 10.39
C PRO B 85 5.71 -16.13 9.93
N ALA B 86 4.81 -15.84 10.86
CA ALA B 86 3.66 -15.00 10.58
C ALA B 86 4.04 -13.58 10.15
N ALA B 87 4.94 -12.93 10.89
CA ALA B 87 5.33 -11.56 10.55
C ALA B 87 5.90 -11.52 9.15
N LEU B 88 6.73 -12.52 8.85
CA LEU B 88 7.36 -12.60 7.54
C LEU B 88 6.31 -12.84 6.44
N PHE B 89 5.32 -13.68 6.72
CA PHE B 89 4.27 -13.95 5.74
C PHE B 89 3.57 -12.62 5.44
N LEU B 90 3.16 -11.94 6.49
CA LEU B 90 2.52 -10.65 6.35
C LEU B 90 3.38 -9.62 5.60
N ALA B 91 4.67 -9.57 5.96
CA ALA B 91 5.59 -8.60 5.37
C ALA B 91 5.81 -8.80 3.88
N ALA B 92 5.89 -10.07 3.49
CA ALA B 92 6.10 -10.40 2.08
C ALA B 92 4.91 -9.87 1.29
N LYS B 93 3.72 -10.01 1.86
CA LYS B 93 2.51 -9.48 1.23
C LYS B 93 2.62 -7.97 1.16
N VAL B 94 2.87 -7.34 2.31
CA VAL B 94 2.97 -5.88 2.39
C VAL B 94 4.02 -5.27 1.48
N GLU B 95 5.19 -5.88 1.40
CA GLU B 95 6.22 -5.34 0.53
C GLU B 95 6.11 -5.88 -0.92
N GLU B 96 4.91 -6.33 -1.28
CA GLU B 96 4.64 -6.79 -2.64
C GLU B 96 5.54 -7.89 -3.23
N GLN B 97 5.74 -8.95 -2.47
CA GLN B 97 6.52 -10.11 -2.88
C GLN B 97 6.01 -11.25 -2.04
N PRO B 98 4.68 -11.47 -2.06
CA PRO B 98 4.03 -12.53 -1.30
C PRO B 98 4.52 -13.90 -1.65
N LYS B 99 4.53 -14.74 -0.63
CA LYS B 99 4.96 -16.12 -0.77
C LYS B 99 3.73 -16.88 -0.28
N LYS B 100 3.44 -18.00 -0.92
CA LYS B 100 2.29 -18.78 -0.50
C LYS B 100 2.46 -19.19 0.95
N LEU B 101 1.35 -19.40 1.63
CA LEU B 101 1.34 -19.79 3.02
C LEU B 101 2.02 -21.11 3.27
N GLU B 102 1.95 -22.02 2.30
CA GLU B 102 2.56 -23.33 2.45
C GLU B 102 4.07 -23.23 2.31
N HIS B 103 4.52 -22.37 1.40
CA HIS B 103 5.93 -22.15 1.17
C HIS B 103 6.58 -21.73 2.49
N VAL B 104 6.00 -20.70 3.11
CA VAL B 104 6.50 -20.16 4.38
C VAL B 104 6.49 -21.20 5.49
N ILE B 105 5.44 -22.01 5.54
CA ILE B 105 5.31 -23.03 6.57
C ILE B 105 6.37 -24.12 6.40
N LYS B 106 6.74 -24.36 5.15
CA LYS B 106 7.75 -25.36 4.86
C LYS B 106 9.09 -24.83 5.36
N VAL B 107 9.50 -23.68 4.79
CA VAL B 107 10.76 -23.03 5.17
C VAL B 107 10.88 -22.94 6.69
N ALA B 108 9.82 -22.51 7.35
CA ALA B 108 9.82 -22.38 8.79
C ALA B 108 10.13 -23.72 9.47
N HIS B 109 9.50 -24.79 8.98
CA HIS B 109 9.72 -26.13 9.56
C HIS B 109 11.14 -26.59 9.32
N THR B 110 11.66 -26.33 8.12
CA THR B 110 13.03 -26.70 7.80
C THR B 110 13.98 -26.03 8.78
N CYS B 111 13.73 -24.76 9.08
CA CYS B 111 14.58 -24.00 9.99
C CYS B 111 14.44 -24.46 11.45
N LEU B 112 13.20 -24.57 11.94
CA LEU B 112 12.98 -24.97 13.32
C LEU B 112 13.01 -26.47 13.58
N HIS B 113 13.02 -27.26 12.52
CA HIS B 113 13.04 -28.72 12.66
C HIS B 113 13.79 -29.36 11.50
N PRO B 114 15.11 -29.12 11.42
CA PRO B 114 15.91 -29.69 10.33
C PRO B 114 15.87 -31.21 10.35
N GLN B 115 15.74 -31.78 11.54
CA GLN B 115 15.70 -33.24 11.69
C GLN B 115 14.38 -33.84 11.20
N GLU B 116 13.30 -33.58 11.94
CA GLU B 116 11.98 -34.09 11.59
C GLU B 116 11.64 -33.82 10.13
N SER B 117 10.49 -34.30 9.69
CA SER B 117 10.06 -34.08 8.32
C SER B 117 8.68 -33.42 8.26
N LEU B 118 8.40 -32.72 7.16
CA LEU B 118 7.14 -32.03 7.00
C LEU B 118 5.95 -32.90 7.31
N PRO B 119 5.05 -32.42 8.18
CA PRO B 119 3.86 -33.20 8.52
C PRO B 119 3.03 -33.31 7.25
N ASP B 120 2.29 -34.40 7.09
CA ASP B 120 1.48 -34.55 5.88
C ASP B 120 0.61 -33.32 5.68
N THR B 121 0.70 -32.71 4.50
CA THR B 121 -0.08 -31.51 4.18
C THR B 121 -1.56 -31.83 4.21
N ARG B 122 -1.87 -33.04 4.67
CA ARG B 122 -3.24 -33.53 4.77
C ARG B 122 -3.52 -33.86 6.22
N SER B 123 -2.47 -34.06 7.00
CA SER B 123 -2.63 -34.39 8.41
C SER B 123 -3.36 -33.31 9.17
N GLU B 124 -3.93 -33.68 10.31
CA GLU B 124 -4.63 -32.73 11.14
C GLU B 124 -3.60 -31.69 11.55
N ALA B 125 -2.55 -32.17 12.23
CA ALA B 125 -1.46 -31.34 12.71
C ALA B 125 -1.05 -30.26 11.72
N TYR B 126 -0.92 -30.63 10.45
CA TYR B 126 -0.55 -29.63 9.45
C TYR B 126 -1.62 -28.58 9.37
N LEU B 127 -2.75 -28.93 8.77
CA LEU B 127 -3.87 -28.01 8.63
C LEU B 127 -3.99 -27.14 9.88
N GLN B 128 -3.68 -27.73 11.02
CA GLN B 128 -3.75 -27.04 12.30
C GLN B 128 -2.84 -25.82 12.30
N GLN B 129 -1.54 -26.05 12.08
CA GLN B 129 -0.61 -24.95 12.07
C GLN B 129 -0.95 -23.93 10.99
N VAL B 130 -1.31 -24.39 9.79
CA VAL B 130 -1.66 -23.47 8.71
C VAL B 130 -2.69 -22.49 9.26
N GLN B 131 -3.49 -22.95 10.20
CA GLN B 131 -4.50 -22.12 10.83
C GLN B 131 -3.85 -21.19 11.85
N ASP B 132 -3.01 -21.76 12.70
CA ASP B 132 -2.34 -20.99 13.72
C ASP B 132 -1.52 -19.85 13.12
N LEU B 133 -0.98 -20.06 11.93
CA LEU B 133 -0.22 -19.03 11.29
C LEU B 133 -1.23 -17.92 10.96
N VAL B 134 -2.30 -18.27 10.25
CA VAL B 134 -3.31 -17.28 9.90
C VAL B 134 -3.74 -16.51 11.14
N ILE B 135 -4.04 -17.24 12.22
CA ILE B 135 -4.45 -16.64 13.47
C ILE B 135 -3.44 -15.61 13.98
N LEU B 136 -2.18 -16.03 14.07
CA LEU B 136 -1.11 -15.17 14.53
C LEU B 136 -1.04 -13.91 13.67
N GLU B 137 -1.13 -14.08 12.37
CA GLU B 137 -1.09 -12.96 11.47
C GLU B 137 -2.11 -11.91 11.91
N SER B 138 -3.33 -12.35 12.19
CA SER B 138 -4.38 -11.42 12.59
C SER B 138 -4.07 -10.69 13.88
N ILE B 139 -3.46 -11.40 14.82
CA ILE B 139 -3.07 -10.82 16.09
C ILE B 139 -1.96 -9.78 15.89
N ILE B 140 -1.04 -10.06 14.98
CA ILE B 140 0.04 -9.13 14.68
C ILE B 140 -0.58 -7.87 14.09
N LEU B 141 -1.44 -8.03 13.08
CA LEU B 141 -2.13 -6.91 12.45
C LEU B 141 -2.89 -6.06 13.47
N GLN B 142 -3.59 -6.71 14.39
CA GLN B 142 -4.33 -5.99 15.40
C GLN B 142 -3.40 -5.34 16.42
N THR B 143 -2.31 -6.03 16.75
CA THR B 143 -1.36 -5.50 17.72
C THR B 143 -0.70 -4.25 17.16
N LEU B 144 -0.36 -4.29 15.87
CA LEU B 144 0.27 -3.16 15.21
C LEU B 144 -0.76 -2.09 14.84
N GLY B 145 -2.01 -2.28 15.25
CA GLY B 145 -3.03 -1.32 14.90
C GLY B 145 -3.12 -1.09 13.40
N PHE B 146 -2.72 -2.10 12.64
CA PHE B 146 -2.74 -2.06 11.19
C PHE B 146 -1.87 -1.00 10.54
N GLU B 147 -0.78 -0.63 11.22
CA GLU B 147 0.14 0.33 10.67
C GLU B 147 1.19 -0.53 9.95
N LEU B 148 1.08 -0.59 8.64
CA LEU B 148 1.91 -1.45 7.81
C LEU B 148 3.10 -0.83 7.11
N THR B 149 3.01 0.46 6.78
CA THR B 149 4.10 1.14 6.08
C THR B 149 5.28 1.46 6.99
N ILE B 150 6.44 0.89 6.69
CA ILE B 150 7.62 1.09 7.53
C ILE B 150 8.76 1.80 6.79
N ASP B 151 9.43 2.71 7.49
CA ASP B 151 10.56 3.41 6.89
C ASP B 151 11.81 2.77 7.51
N HIS B 152 12.77 2.43 6.67
CA HIS B 152 13.99 1.80 7.15
C HIS B 152 15.19 2.71 6.94
N PRO B 153 16.18 2.61 7.84
CA PRO B 153 17.43 3.40 7.80
C PRO B 153 18.07 3.31 6.43
N HIS B 154 18.07 2.10 5.89
CA HIS B 154 18.68 1.82 4.60
C HIS B 154 18.43 2.89 3.55
N THR B 155 17.21 3.37 3.50
CA THR B 155 16.83 4.38 2.51
C THR B 155 17.61 5.68 2.67
N HIS B 156 17.78 6.13 3.91
CA HIS B 156 18.50 7.37 4.15
C HIS B 156 20.00 7.15 4.07
N VAL B 157 20.45 5.94 4.34
CA VAL B 157 21.88 5.61 4.26
C VAL B 157 22.41 5.76 2.82
N VAL B 158 21.78 5.07 1.88
CA VAL B 158 22.20 5.11 0.47
C VAL B 158 22.13 6.54 -0.07
N LYS B 159 21.04 7.23 0.21
CA LYS B 159 20.88 8.60 -0.23
C LYS B 159 22.03 9.48 0.28
N CYS B 160 22.48 9.23 1.51
CA CYS B 160 23.57 10.03 2.09
C CYS B 160 24.94 9.67 1.51
N THR B 161 25.21 8.37 1.38
CA THR B 161 26.49 7.93 0.87
C THR B 161 26.68 8.39 -0.58
N GLN B 162 25.59 8.39 -1.34
CA GLN B 162 25.65 8.84 -2.72
C GLN B 162 25.93 10.34 -2.69
N LEU B 163 25.26 11.04 -1.78
CA LEU B 163 25.41 12.48 -1.66
C LEU B 163 26.82 12.94 -1.28
N VAL B 164 27.51 12.17 -0.44
CA VAL B 164 28.86 12.54 -0.02
C VAL B 164 29.95 11.81 -0.81
N ARG B 165 29.53 11.05 -1.80
CA ARG B 165 30.45 10.29 -2.65
C ARG B 165 31.31 9.34 -1.84
N ALA B 166 30.69 8.67 -0.87
CA ALA B 166 31.41 7.70 -0.06
C ALA B 166 32.07 6.65 -0.97
N SER B 167 33.07 5.95 -0.45
CA SER B 167 33.72 4.91 -1.24
C SER B 167 32.70 3.77 -1.33
N LYS B 168 32.83 2.93 -2.34
CA LYS B 168 31.92 1.81 -2.47
C LYS B 168 31.91 1.01 -1.18
N ASP B 169 33.09 0.87 -0.59
CA ASP B 169 33.25 0.12 0.64
C ASP B 169 32.57 0.74 1.86
N LEU B 170 32.64 2.07 1.97
CA LEU B 170 32.02 2.73 3.09
C LEU B 170 30.50 2.68 2.89
N ALA B 171 30.10 2.74 1.63
CA ALA B 171 28.69 2.70 1.28
C ALA B 171 28.10 1.37 1.72
N GLN B 172 28.83 0.29 1.44
CA GLN B 172 28.40 -1.05 1.78
C GLN B 172 28.42 -1.30 3.29
N THR B 173 29.46 -0.82 3.96
CA THR B 173 29.58 -1.01 5.40
C THR B 173 28.43 -0.32 6.12
N SER B 174 28.10 0.89 5.67
CA SER B 174 27.02 1.65 6.26
C SER B 174 25.69 0.93 6.09
N TYR B 175 25.44 0.45 4.89
CA TYR B 175 24.22 -0.28 4.59
C TYR B 175 24.16 -1.53 5.46
N PHE B 176 25.29 -2.22 5.57
CA PHE B 176 25.39 -3.44 6.37
C PHE B 176 25.09 -3.18 7.85
N MET B 177 25.55 -2.03 8.35
CA MET B 177 25.29 -1.68 9.74
C MET B 177 23.84 -1.34 9.97
N ALA B 178 23.17 -0.79 8.96
CA ALA B 178 21.74 -0.46 9.11
C ALA B 178 20.98 -1.76 9.38
N THR B 179 21.34 -2.81 8.64
CA THR B 179 20.72 -4.13 8.81
C THR B 179 20.97 -4.67 10.21
N ASN B 180 22.23 -4.56 10.66
CA ASN B 180 22.59 -5.05 11.98
C ASN B 180 21.88 -4.26 13.06
N SER B 181 21.58 -2.99 12.77
CA SER B 181 20.89 -2.18 13.75
C SER B 181 19.49 -2.77 13.96
N LEU B 182 18.86 -3.29 12.91
CA LEU B 182 17.53 -3.90 13.05
C LEU B 182 17.66 -5.24 13.79
N HIS B 183 18.67 -6.01 13.41
CA HIS B 183 18.93 -7.32 14.00
C HIS B 183 19.35 -7.30 15.49
N LEU B 184 20.34 -6.48 15.82
CA LEU B 184 20.90 -6.46 17.18
C LEU B 184 20.42 -5.45 18.19
N THR B 185 19.91 -4.32 17.72
CA THR B 185 19.44 -3.28 18.63
C THR B 185 17.95 -3.06 18.49
N THR B 186 17.43 -2.18 19.34
CA THR B 186 16.04 -1.78 19.32
C THR B 186 16.03 -0.30 18.93
N PHE B 187 17.01 0.11 18.13
CA PHE B 187 17.06 1.51 17.72
C PHE B 187 15.78 1.85 16.93
N SER B 188 15.22 0.88 16.21
CA SER B 188 14.01 1.11 15.44
C SER B 188 12.82 1.49 16.32
N LEU B 189 12.94 1.23 17.63
CA LEU B 189 11.89 1.57 18.57
C LEU B 189 12.22 2.85 19.35
N GLN B 190 13.35 3.45 19.06
CA GLN B 190 13.75 4.63 19.80
C GLN B 190 14.05 5.84 18.94
N TYR B 191 14.67 5.62 17.80
CA TYR B 191 15.04 6.71 16.93
C TYR B 191 14.49 6.54 15.53
N THR B 192 14.17 7.66 14.90
CA THR B 192 13.62 7.63 13.56
C THR B 192 14.68 7.10 12.59
N PRO B 193 14.22 6.45 11.52
CA PRO B 193 15.09 5.88 10.51
C PRO B 193 16.22 6.80 10.04
N PRO B 194 15.95 8.11 9.91
CA PRO B 194 17.01 9.03 9.46
C PRO B 194 18.15 9.11 10.47
N VAL B 195 17.78 9.15 11.74
CA VAL B 195 18.78 9.22 12.80
C VAL B 195 19.59 7.93 12.83
N VAL B 196 18.89 6.80 12.74
CA VAL B 196 19.57 5.52 12.77
C VAL B 196 20.52 5.43 11.58
N ALA B 197 20.11 6.01 10.45
CA ALA B 197 20.95 6.00 9.25
C ALA B 197 22.26 6.72 9.52
N CYS B 198 22.15 7.85 10.21
CA CYS B 198 23.31 8.67 10.58
C CYS B 198 24.25 7.90 11.50
N VAL B 199 23.68 7.16 12.45
CA VAL B 199 24.46 6.38 13.39
C VAL B 199 25.28 5.34 12.63
N CYS B 200 24.63 4.66 11.70
CA CYS B 200 25.27 3.64 10.88
C CYS B 200 26.38 4.21 9.99
N ILE B 201 26.25 5.45 9.57
CA ILE B 201 27.30 6.04 8.74
C ILE B 201 28.46 6.51 9.64
N HIS B 202 28.10 7.23 10.68
CA HIS B 202 29.06 7.73 11.66
C HIS B 202 29.94 6.57 12.10
N LEU B 203 29.32 5.44 12.43
CA LEU B 203 30.07 4.28 12.85
C LEU B 203 30.97 3.78 11.73
N ALA B 204 30.40 3.61 10.53
CA ALA B 204 31.19 3.16 9.41
C ALA B 204 32.37 4.11 9.16
N CYS B 205 32.14 5.41 9.35
CA CYS B 205 33.20 6.41 9.15
C CYS B 205 34.34 6.30 10.15
N LYS B 206 34.04 5.84 11.36
CA LYS B 206 35.06 5.68 12.38
C LYS B 206 35.92 4.48 12.04
N TRP B 207 35.31 3.39 11.62
CA TRP B 207 36.07 2.20 11.27
C TRP B 207 36.99 2.43 10.06
N SER B 208 36.69 3.43 9.25
CA SER B 208 37.51 3.73 8.08
C SER B 208 38.23 5.06 8.28
N ASN B 209 38.27 5.51 9.52
CA ASN B 209 38.91 6.78 9.89
C ASN B 209 38.69 7.84 8.81
N TRP B 210 37.45 7.93 8.30
CA TRP B 210 37.12 8.93 7.30
C TRP B 210 36.33 10.04 7.97
N GLU B 211 36.72 11.28 7.69
CA GLU B 211 36.07 12.42 8.31
C GLU B 211 35.40 13.29 7.25
N ILE B 212 34.14 12.96 6.93
CA ILE B 212 33.38 13.71 5.93
C ILE B 212 33.51 15.22 6.10
N PRO B 213 34.04 15.90 5.09
CA PRO B 213 34.24 17.35 5.09
C PRO B 213 32.96 18.14 5.35
N VAL B 214 33.10 19.24 6.09
CA VAL B 214 31.98 20.10 6.39
C VAL B 214 31.73 20.96 5.18
N SER B 215 30.52 20.86 4.63
CA SER B 215 30.17 21.64 3.45
C SER B 215 30.51 23.10 3.63
N THR B 216 31.15 23.65 2.61
CA THR B 216 31.57 25.04 2.55
C THR B 216 30.83 25.97 3.51
N ASP B 217 31.57 26.50 4.48
CA ASP B 217 31.03 27.43 5.48
C ASP B 217 29.59 27.11 5.88
N GLY B 218 29.36 25.90 6.41
CA GLY B 218 28.01 25.55 6.80
C GLY B 218 27.79 24.29 7.63
N LYS B 219 26.83 23.50 7.20
CA LYS B 219 26.41 22.27 7.86
C LYS B 219 27.35 21.06 7.76
N HIS B 220 27.17 20.12 8.69
CA HIS B 220 27.94 18.88 8.72
C HIS B 220 27.11 17.86 7.94
N TRP B 221 27.78 16.85 7.39
CA TRP B 221 27.10 15.81 6.59
C TRP B 221 25.76 15.28 7.12
N TRP B 222 25.64 15.05 8.42
CA TRP B 222 24.41 14.51 8.98
C TRP B 222 23.26 15.50 8.95
N GLU B 223 23.56 16.79 8.78
CA GLU B 223 22.53 17.81 8.69
C GLU B 223 21.80 17.67 7.35
N TYR B 224 22.35 16.83 6.47
CA TYR B 224 21.75 16.59 5.17
C TYR B 224 20.91 15.31 5.24
N VAL B 225 20.78 14.75 6.44
CA VAL B 225 20.01 13.52 6.61
C VAL B 225 18.89 13.72 7.63
N ASP B 226 19.20 14.43 8.70
CA ASP B 226 18.21 14.72 9.73
C ASP B 226 18.60 16.04 10.40
N ALA B 227 17.62 16.88 10.68
CA ALA B 227 17.90 18.18 11.27
C ALA B 227 18.02 18.18 12.78
N THR B 228 17.61 17.10 13.45
CA THR B 228 17.71 17.06 14.91
C THR B 228 19.03 16.45 15.39
N VAL B 229 19.61 15.59 14.56
CA VAL B 229 20.86 14.93 14.89
C VAL B 229 21.98 15.90 15.29
N THR B 230 22.69 15.55 16.35
CA THR B 230 23.83 16.35 16.82
C THR B 230 24.98 15.35 16.88
N LEU B 231 26.21 15.85 16.82
CA LEU B 231 27.36 14.96 16.92
C LEU B 231 27.31 14.29 18.29
N GLU B 232 26.85 15.03 19.28
CA GLU B 232 26.79 14.47 20.62
C GLU B 232 25.99 13.16 20.56
N LEU B 233 24.84 13.21 19.90
CA LEU B 233 23.97 12.04 19.79
C LEU B 233 24.63 10.92 19.01
N LEU B 234 25.28 11.28 17.92
CA LEU B 234 25.92 10.25 17.12
C LEU B 234 26.98 9.50 17.91
N ASP B 235 27.82 10.20 18.68
CA ASP B 235 28.85 9.52 19.48
C ASP B 235 28.21 8.57 20.51
N GLU B 236 27.19 9.06 21.20
CA GLU B 236 26.49 8.25 22.20
C GLU B 236 25.91 6.95 21.61
N LEU B 237 25.04 7.10 20.61
CA LEU B 237 24.41 5.95 19.99
C LEU B 237 25.44 5.01 19.41
N THR B 238 26.51 5.56 18.85
CA THR B 238 27.57 4.74 18.30
C THR B 238 28.25 3.95 19.45
N HIS B 239 28.43 4.61 20.60
CA HIS B 239 29.04 3.95 21.75
C HIS B 239 28.13 2.78 22.15
N GLU B 240 26.83 3.07 22.16
CA GLU B 240 25.81 2.08 22.52
C GLU B 240 25.76 0.87 21.55
N PHE B 241 25.82 1.15 20.25
CA PHE B 241 25.78 0.10 19.22
C PHE B 241 26.98 -0.79 19.46
N LEU B 242 28.13 -0.18 19.79
CA LEU B 242 29.33 -0.96 20.04
C LEU B 242 29.20 -1.82 21.31
N GLN B 243 28.59 -1.29 22.37
CA GLN B 243 28.41 -2.09 23.57
C GLN B 243 27.55 -3.33 23.24
N ILE B 244 26.44 -3.11 22.56
CA ILE B 244 25.55 -4.20 22.16
C ILE B 244 26.32 -5.27 21.37
N LEU B 245 27.19 -4.83 20.46
CA LEU B 245 27.96 -5.79 19.67
C LEU B 245 28.90 -6.58 20.58
N GLU B 246 29.42 -5.92 21.61
CA GLU B 246 30.34 -6.56 22.54
C GLU B 246 29.59 -7.50 23.49
N LYS B 247 28.27 -7.51 23.40
CA LYS B 247 27.49 -8.39 24.28
C LYS B 247 26.85 -9.58 23.57
N THR B 248 27.23 -9.82 22.33
CA THR B 248 26.69 -10.96 21.61
C THR B 248 27.46 -12.22 22.02
N PRO B 249 26.85 -13.40 21.86
CA PRO B 249 27.46 -14.70 22.21
C PRO B 249 28.96 -14.87 22.01
N ASN B 250 29.41 -14.80 20.77
CA ASN B 250 30.84 -14.99 20.48
C ASN B 250 31.75 -13.86 20.94
N ARG B 251 31.24 -12.98 21.78
CA ARG B 251 32.04 -11.88 22.31
C ARG B 251 31.92 -11.83 23.83
N LEU B 252 32.00 -13.01 24.44
CA LEU B 252 31.93 -13.13 25.89
C LEU B 252 32.53 -14.46 26.30
N CYS B 261 37.65 -23.88 3.94
CA CYS B 261 38.41 -23.29 2.86
C CYS B 261 39.49 -22.34 3.39
N MET C 1 23.26 -6.70 3.85
CA MET C 1 24.74 -6.65 3.72
C MET C 1 25.18 -5.99 2.40
N GLU C 2 24.36 -6.12 1.36
CA GLU C 2 24.65 -5.54 0.03
C GLU C 2 23.67 -4.39 -0.25
N PRO C 3 24.17 -3.18 -0.53
CA PRO C 3 23.27 -2.05 -0.80
C PRO C 3 22.25 -2.29 -1.92
N VAL C 4 21.01 -1.85 -1.70
CA VAL C 4 19.94 -1.98 -2.69
C VAL C 4 19.49 -0.56 -2.99
N ASP C 5 19.22 -0.26 -4.25
CA ASP C 5 18.78 1.09 -4.62
C ASP C 5 17.42 1.32 -3.99
N PRO C 6 17.33 2.27 -3.05
CA PRO C 6 16.09 2.60 -2.35
C PRO C 6 14.94 3.06 -3.24
N ARG C 7 15.27 3.82 -4.28
CA ARG C 7 14.26 4.35 -5.19
C ARG C 7 13.43 3.29 -5.95
N LEU C 8 13.88 2.05 -5.95
CA LEU C 8 13.15 0.97 -6.62
C LEU C 8 11.84 0.72 -5.89
N GLU C 9 10.76 0.53 -6.65
CA GLU C 9 9.49 0.23 -6.00
C GLU C 9 9.69 -1.15 -5.37
N PRO C 10 9.04 -1.40 -4.22
CA PRO C 10 9.16 -2.67 -3.50
C PRO C 10 9.17 -3.96 -4.32
N TRP C 11 8.26 -4.07 -5.29
CA TRP C 11 8.19 -5.28 -6.11
C TRP C 11 9.39 -5.44 -7.05
N LYS C 12 10.11 -4.34 -7.30
CA LYS C 12 11.28 -4.37 -8.17
C LYS C 12 12.56 -4.75 -7.38
N HIS C 13 12.44 -4.96 -6.08
CA HIS C 13 13.61 -5.31 -5.26
C HIS C 13 14.09 -6.76 -5.43
N PRO C 14 15.42 -6.95 -5.50
CA PRO C 14 16.02 -8.27 -5.67
C PRO C 14 15.79 -9.16 -4.46
N GLY C 15 15.86 -10.48 -4.66
CA GLY C 15 15.69 -11.40 -3.57
C GLY C 15 16.91 -11.30 -2.70
N SER C 16 16.80 -11.74 -1.44
CA SER C 16 17.91 -11.67 -0.50
C SER C 16 18.75 -12.95 -0.47
N GLN C 17 18.24 -14.01 -1.09
CA GLN C 17 18.96 -15.28 -1.10
C GLN C 17 20.38 -15.12 -1.64
N PRO C 18 21.37 -15.62 -0.89
CA PRO C 18 22.78 -15.55 -1.30
C PRO C 18 23.06 -16.35 -2.57
N LYS C 19 23.91 -15.79 -3.45
CA LYS C 19 24.24 -16.44 -4.70
C LYS C 19 24.81 -17.84 -4.55
N THR C 20 25.41 -18.15 -3.40
CA THR C 20 25.96 -19.48 -3.19
C THR C 20 25.50 -20.06 -1.86
N ALA C 21 25.57 -21.38 -1.74
CA ALA C 21 25.14 -22.04 -0.51
C ALA C 21 25.95 -21.53 0.67
N CYS C 22 25.42 -21.75 1.87
CA CYS C 22 26.09 -21.33 3.07
C CYS C 22 26.88 -22.53 3.61
N THR C 23 28.21 -22.42 3.56
CA THR C 23 29.06 -23.48 4.05
C THR C 23 28.99 -23.53 5.57
N ASN C 24 29.71 -24.47 6.17
CA ASN C 24 29.70 -24.59 7.62
C ASN C 24 31.07 -24.11 8.13
N CYS C 25 31.86 -23.56 7.23
CA CYS C 25 33.19 -23.07 7.55
C CYS C 25 33.19 -21.79 8.36
N TYR C 26 34.23 -21.62 9.16
CA TYR C 26 34.39 -20.44 10.00
C TYR C 26 35.68 -19.73 9.70
N CYS C 27 35.60 -18.67 8.91
CA CYS C 27 36.78 -17.92 8.59
C CYS C 27 36.32 -16.55 8.22
N LYS C 28 37.16 -15.56 8.49
CA LYS C 28 36.83 -14.19 8.20
C LYS C 28 35.95 -14.06 6.95
N LYS C 29 36.16 -14.92 5.97
CA LYS C 29 35.36 -14.85 4.74
C LYS C 29 34.03 -15.60 4.79
N CYS C 30 34.03 -16.83 5.28
CA CYS C 30 32.79 -17.59 5.38
C CYS C 30 31.88 -17.05 6.49
N CYS C 31 32.48 -16.30 7.40
CA CYS C 31 31.74 -15.71 8.51
C CYS C 31 31.02 -14.46 8.03
N PHE C 32 31.35 -14.02 6.81
CA PHE C 32 30.73 -12.84 6.21
C PHE C 32 30.12 -13.20 4.85
N HIS C 33 29.76 -14.46 4.66
CA HIS C 33 29.16 -14.90 3.40
C HIS C 33 27.85 -14.14 3.15
N CYS C 34 27.04 -13.99 4.19
CA CYS C 34 25.77 -13.30 4.08
C CYS C 34 25.34 -12.88 5.48
N GLN C 35 24.23 -12.14 5.56
CA GLN C 35 23.76 -11.69 6.85
C GLN C 35 23.58 -12.85 7.83
N VAL C 36 23.09 -13.98 7.34
CA VAL C 36 22.86 -15.15 8.19
C VAL C 36 24.17 -15.73 8.73
N CYS C 37 25.14 -15.92 7.84
CA CYS C 37 26.42 -16.44 8.25
C CYS C 37 27.11 -15.48 9.25
N PHE C 38 26.98 -14.18 9.01
CA PHE C 38 27.58 -13.17 9.89
C PHE C 38 26.95 -13.20 11.29
N ILE C 39 25.62 -13.18 11.33
CA ILE C 39 24.88 -13.19 12.58
C ILE C 39 25.08 -14.48 13.40
N THR C 40 25.13 -15.61 12.71
CA THR C 40 25.29 -16.90 13.38
C THR C 40 26.73 -17.34 13.66
N LYS C 41 27.61 -17.22 12.67
CA LYS C 41 29.01 -17.62 12.83
C LYS C 41 29.83 -16.60 13.60
N ALA C 42 30.01 -15.41 13.03
CA ALA C 42 30.78 -14.35 13.68
C ALA C 42 30.19 -13.81 14.99
N LEU C 43 28.87 -13.75 15.13
CA LEU C 43 28.27 -13.22 16.36
C LEU C 43 27.70 -14.31 17.27
N GLY C 44 27.62 -15.53 16.75
CA GLY C 44 27.12 -16.64 17.53
C GLY C 44 25.68 -16.57 17.99
N ILE C 45 24.84 -15.85 17.26
CA ILE C 45 23.42 -15.74 17.58
C ILE C 45 22.71 -16.87 16.85
N SER C 46 21.75 -17.51 17.50
CA SER C 46 20.98 -18.58 16.86
C SER C 46 19.60 -18.74 17.50
N TYR C 47 18.60 -19.03 16.68
CA TYR C 47 17.22 -19.20 17.15
C TYR C 47 16.88 -20.57 17.72
N GLY C 48 17.65 -21.59 17.31
CA GLY C 48 17.41 -22.94 17.80
C GLY C 48 18.00 -23.19 19.18
N ARG C 49 17.83 -24.41 19.68
CA ARG C 49 18.34 -24.78 21.00
C ARG C 49 19.66 -25.54 20.92
#